data_8RSS
#
_entry.id   8RSS
#
_cell.length_a   50.608
_cell.length_b   40.174
_cell.length_c   60.307
_cell.angle_alpha   90.000
_cell.angle_beta   101.220
_cell.angle_gamma   90.000
#
_symmetry.space_group_name_H-M   'P 1 2 1'
#
loop_
_entity.id
_entity.type
_entity.pdbx_description
1 polymer Bacteriorhodopsin
2 non-polymer 'OLEIC ACID'
3 non-polymer EICOSANE
4 non-polymer RETINAL
5 water water
#
_entity_poly.entity_id   1
_entity_poly.type   'polypeptide(L)'
_entity_poly.pdbx_seq_one_letter_code
;MEELTYRLFMVATVGMLAGTVFLLASSREVKPEHRRGVYISALVCGIAWYHYQKMGASWESGSYDTGLRYVDWVLTVPLM
FVEVLAVTRKGAAYNEAVRNWGIAATVMIGAGYYGETSAAGSNEYWTGFVIAMATYVWLMRNLQAEGEGLKGDQAVAFEN
IKNLILVGWIIYPLGYIAPVVGDFDAIREVLYTIADIINKVGLGVLVLQMARVQSGEKVS
;
_entity_poly.pdbx_strand_id   A
#
loop_
_chem_comp.id
_chem_comp.type
_chem_comp.name
_chem_comp.formula
LFA non-polymer EICOSANE 'C20 H42'
OLA non-polymer 'OLEIC ACID' 'C18 H34 O2'
RET non-polymer RETINAL 'C20 H28 O'
#
# COMPACT_ATOMS: atom_id res chain seq x y z
N MET A 1 1.07 -18.96 17.82
CA MET A 1 1.05 -17.72 17.05
C MET A 1 2.43 -17.36 16.50
N GLU A 2 3.48 -17.69 17.26
CA GLU A 2 4.83 -17.30 16.86
C GLU A 2 5.26 -18.02 15.58
N GLU A 3 5.01 -19.33 15.49
CA GLU A 3 5.37 -20.07 14.30
C GLU A 3 4.53 -19.62 13.10
N LEU A 4 3.23 -19.41 13.32
CA LEU A 4 2.37 -18.91 12.26
C LEU A 4 2.87 -17.58 11.73
N THR A 5 3.34 -16.71 12.63
CA THR A 5 3.82 -15.39 12.21
C THR A 5 5.08 -15.51 11.37
N TYR A 6 6.01 -16.38 11.77
CA TYR A 6 7.21 -16.60 10.97
C TYR A 6 6.87 -17.12 9.59
N ARG A 7 5.99 -18.12 9.51
N ARG A 7 5.99 -18.12 9.51
CA ARG A 7 5.62 -18.70 8.22
CA ARG A 7 5.62 -18.70 8.22
C ARG A 7 4.98 -17.67 7.30
C ARG A 7 4.99 -17.66 7.31
N LEU A 8 4.14 -16.79 7.87
CA LEU A 8 3.52 -15.75 7.05
C LEU A 8 4.55 -14.76 6.53
N PHE A 9 5.55 -14.42 7.35
CA PHE A 9 6.65 -13.59 6.87
C PHE A 9 7.34 -14.24 5.67
N MET A 10 7.63 -15.54 5.78
N MET A 10 7.65 -15.54 5.79
CA MET A 10 8.34 -16.22 4.70
CA MET A 10 8.33 -16.25 4.72
C MET A 10 7.48 -16.36 3.45
C MET A 10 7.47 -16.30 3.46
N VAL A 11 6.19 -16.64 3.61
CA VAL A 11 5.29 -16.71 2.47
C VAL A 11 5.12 -15.34 1.84
N ALA A 12 4.98 -14.30 2.67
CA ALA A 12 4.81 -12.95 2.12
C ALA A 12 6.06 -12.48 1.41
N THR A 13 7.24 -12.90 1.88
CA THR A 13 8.47 -12.57 1.18
C THR A 13 8.43 -13.05 -0.26
N VAL A 14 8.13 -14.34 -0.47
CA VAL A 14 8.01 -14.87 -1.83
C VAL A 14 6.85 -14.21 -2.55
N GLY A 15 5.77 -13.87 -1.81
CA GLY A 15 4.64 -13.21 -2.45
C GLY A 15 4.99 -11.86 -3.02
N MET A 16 5.80 -11.08 -2.29
CA MET A 16 6.21 -9.77 -2.79
C MET A 16 7.09 -9.90 -4.01
N LEU A 17 8.03 -10.84 -3.99
CA LEU A 17 8.84 -11.11 -5.17
C LEU A 17 7.96 -11.53 -6.35
N ALA A 18 7.00 -12.43 -6.10
CA ALA A 18 6.10 -12.85 -7.17
C ALA A 18 5.30 -11.66 -7.72
N GLY A 19 4.79 -10.80 -6.84
CA GLY A 19 4.15 -9.59 -7.32
C GLY A 19 5.07 -8.74 -8.17
N THR A 20 6.32 -8.57 -7.72
CA THR A 20 7.30 -7.77 -8.47
C THR A 20 7.47 -8.31 -9.89
N VAL A 21 7.83 -9.59 -10.00
CA VAL A 21 8.20 -10.13 -11.30
C VAL A 21 6.98 -10.36 -12.19
N PHE A 22 5.84 -10.75 -11.61
N PHE A 22 5.82 -10.69 -11.64
CA PHE A 22 4.61 -10.86 -12.38
CA PHE A 22 4.66 -10.88 -12.51
C PHE A 22 4.25 -9.53 -13.02
C PHE A 22 4.02 -9.56 -12.93
N LEU A 23 4.28 -8.46 -12.22
CA LEU A 23 3.93 -7.15 -12.73
C LEU A 23 4.88 -6.74 -13.85
N LEU A 24 6.19 -6.99 -13.66
CA LEU A 24 7.14 -6.72 -14.73
C LEU A 24 6.81 -7.53 -15.97
N ALA A 25 6.51 -8.82 -15.81
CA ALA A 25 6.19 -9.67 -16.95
C ALA A 25 4.91 -9.22 -17.64
N SER A 26 3.94 -8.69 -16.88
N SER A 26 3.95 -8.70 -16.88
CA SER A 26 2.67 -8.27 -17.43
CA SER A 26 2.68 -8.28 -17.46
C SER A 26 2.74 -6.92 -18.13
C SER A 26 2.74 -6.93 -18.15
N SER A 27 3.84 -6.18 -18.00
CA SER A 27 3.91 -4.84 -18.59
C SER A 27 3.78 -4.87 -20.11
N ARG A 28 4.21 -5.96 -20.76
N ARG A 28 4.21 -5.96 -20.76
CA ARG A 28 4.07 -6.08 -22.20
CA ARG A 28 4.07 -6.08 -22.20
C ARG A 28 2.62 -6.16 -22.64
C ARG A 28 2.62 -6.19 -22.66
N GLU A 29 1.70 -6.44 -21.72
N GLU A 29 1.68 -6.43 -21.74
CA GLU A 29 0.29 -6.61 -22.08
CA GLU A 29 0.29 -6.60 -22.10
C GLU A 29 -0.43 -5.28 -22.30
C GLU A 29 -0.46 -5.27 -22.24
N VAL A 30 0.18 -4.16 -21.95
CA VAL A 30 -0.44 -2.85 -22.09
C VAL A 30 0.41 -1.99 -23.02
N LYS A 31 -0.20 -0.93 -23.55
CA LYS A 31 0.51 -0.02 -24.42
C LYS A 31 1.69 0.60 -23.67
N PRO A 32 2.78 0.90 -24.37
CA PRO A 32 3.95 1.52 -23.70
C PRO A 32 3.62 2.78 -22.93
N GLU A 33 2.67 3.58 -23.40
N GLU A 33 2.66 3.57 -23.41
CA GLU A 33 2.33 4.83 -22.71
CA GLU A 33 2.26 4.81 -22.75
C GLU A 33 1.60 4.61 -21.40
C GLU A 33 1.72 4.56 -21.35
N HIS A 34 1.23 3.36 -21.06
CA HIS A 34 0.57 3.06 -19.80
C HIS A 34 1.37 2.07 -18.94
N ARG A 35 2.65 1.87 -19.26
CA ARG A 35 3.46 0.92 -18.51
C ARG A 35 4.10 1.52 -17.27
N ARG A 36 4.17 2.85 -17.15
CA ARG A 36 4.85 3.45 -16.02
C ARG A 36 4.26 3.00 -14.69
N GLY A 37 2.94 2.97 -14.59
CA GLY A 37 2.31 2.59 -13.34
C GLY A 37 2.54 1.14 -12.98
N VAL A 38 2.58 0.26 -13.98
CA VAL A 38 2.92 -1.14 -13.73
C VAL A 38 4.34 -1.25 -13.18
N TYR A 39 5.27 -0.50 -13.77
CA TYR A 39 6.65 -0.53 -13.28
C TYR A 39 6.75 0.01 -11.87
N ILE A 40 6.05 1.12 -11.57
CA ILE A 40 6.08 1.67 -10.22
C ILE A 40 5.48 0.69 -9.23
N SER A 41 4.40 0.01 -9.62
CA SER A 41 3.82 -1.02 -8.77
C SER A 41 4.81 -2.15 -8.52
N ALA A 42 5.58 -2.52 -9.55
CA ALA A 42 6.61 -3.53 -9.36
C ALA A 42 7.70 -3.06 -8.41
N LEU A 43 8.10 -1.78 -8.51
CA LEU A 43 9.09 -1.23 -7.58
C LEU A 43 8.58 -1.27 -6.15
N VAL A 44 7.30 -0.95 -5.94
CA VAL A 44 6.70 -1.04 -4.61
C VAL A 44 6.81 -2.45 -4.06
N CYS A 45 6.43 -3.45 -4.87
CA CYS A 45 6.54 -4.83 -4.43
C CYS A 45 7.99 -5.24 -4.24
N GLY A 46 8.92 -4.68 -5.03
CA GLY A 46 10.31 -5.05 -4.90
C GLY A 46 10.95 -4.49 -3.63
N ILE A 47 10.62 -3.25 -3.30
CA ILE A 47 11.07 -2.69 -2.03
C ILE A 47 10.52 -3.51 -0.87
N ALA A 48 9.23 -3.86 -0.93
CA ALA A 48 8.63 -4.70 0.11
C ALA A 48 9.32 -6.05 0.18
N TRP A 49 9.63 -6.65 -0.98
CA TRP A 49 10.38 -7.91 -1.00
C TRP A 49 11.67 -7.78 -0.20
N TYR A 50 12.44 -6.73 -0.45
CA TYR A 50 13.69 -6.52 0.29
C TYR A 50 13.43 -6.46 1.79
N HIS A 51 12.46 -5.65 2.22
CA HIS A 51 12.21 -5.51 3.65
C HIS A 51 11.57 -6.75 4.25
N TYR A 52 10.77 -7.48 3.46
CA TYR A 52 10.16 -8.69 4.00
C TYR A 52 11.19 -9.76 4.30
N GLN A 53 12.23 -9.87 3.47
N GLN A 53 12.23 -9.87 3.48
CA GLN A 53 13.33 -10.78 3.78
CA GLN A 53 13.30 -10.81 3.81
C GLN A 53 13.98 -10.40 5.11
C GLN A 53 13.96 -10.43 5.13
N LYS A 54 14.13 -9.10 5.36
N LYS A 54 14.13 -9.14 5.38
CA LYS A 54 14.70 -8.64 6.62
CA LYS A 54 14.71 -8.68 6.64
C LYS A 54 13.75 -8.92 7.78
C LYS A 54 13.75 -8.91 7.80
N MET A 55 12.45 -8.68 7.59
CA MET A 55 11.49 -8.86 8.67
C MET A 55 11.39 -10.31 9.11
N GLY A 56 11.37 -11.24 8.14
CA GLY A 56 11.31 -12.65 8.50
C GLY A 56 12.50 -13.08 9.33
N ALA A 57 13.70 -12.67 8.92
CA ALA A 57 14.90 -12.97 9.71
C ALA A 57 14.84 -12.31 11.08
N SER A 58 14.34 -11.08 11.14
CA SER A 58 14.21 -10.37 12.40
C SER A 58 13.25 -11.12 13.34
N TRP A 59 12.09 -11.51 12.81
CA TRP A 59 11.14 -12.26 13.63
C TRP A 59 11.72 -13.58 14.10
N GLU A 60 12.38 -14.30 13.18
CA GLU A 60 12.96 -15.60 13.52
C GLU A 60 13.98 -15.48 14.64
N SER A 61 14.70 -14.37 14.73
CA SER A 61 15.74 -14.22 15.76
C SER A 61 15.14 -14.21 17.16
N GLY A 62 13.92 -13.71 17.30
CA GLY A 62 13.31 -13.49 18.60
C GLY A 62 13.42 -12.06 19.10
N SER A 63 14.23 -11.23 18.45
N SER A 63 14.23 -11.22 18.46
CA SER A 63 14.37 -9.81 18.77
CA SER A 63 14.34 -9.80 18.78
C SER A 63 13.88 -9.07 17.53
C SER A 63 13.88 -9.02 17.56
N TYR A 64 12.57 -8.87 17.43
CA TYR A 64 11.98 -8.32 16.21
C TYR A 64 12.05 -6.79 16.16
N ASP A 65 12.30 -6.26 14.97
CA ASP A 65 12.50 -4.83 14.73
C ASP A 65 11.36 -4.35 13.83
N THR A 66 10.32 -3.75 14.44
CA THR A 66 9.25 -3.16 13.66
C THR A 66 9.71 -1.98 12.83
N GLY A 67 10.91 -1.45 13.09
CA GLY A 67 11.44 -0.40 12.24
C GLY A 67 11.63 -0.83 10.80
N LEU A 68 11.87 -2.12 10.57
CA LEU A 68 11.92 -2.63 9.20
C LEU A 68 10.58 -2.45 8.49
N ARG A 69 9.49 -2.73 9.19
CA ARG A 69 8.16 -2.55 8.60
C ARG A 69 7.88 -1.08 8.34
N TYR A 70 8.18 -0.22 9.31
CA TYR A 70 7.83 1.18 9.20
C TYR A 70 8.67 1.91 8.16
N VAL A 71 9.93 1.51 7.98
N VAL A 71 9.94 1.54 8.03
CA VAL A 71 10.74 2.12 6.93
CA VAL A 71 10.76 2.08 6.94
C VAL A 71 10.28 1.65 5.56
C VAL A 71 10.16 1.68 5.59
N ASP A 72 9.77 0.41 5.45
CA ASP A 72 9.16 -0.03 4.20
C ASP A 72 7.92 0.78 3.88
N TRP A 73 7.08 1.02 4.90
CA TRP A 73 5.87 1.81 4.68
C TRP A 73 6.20 3.24 4.29
N VAL A 74 7.18 3.86 4.96
CA VAL A 74 7.43 5.27 4.69
C VAL A 74 7.94 5.48 3.27
N LEU A 75 8.61 4.48 2.69
CA LEU A 75 9.07 4.56 1.31
C LEU A 75 7.98 4.19 0.31
N THR A 76 7.19 3.14 0.60
CA THR A 76 6.28 2.61 -0.42
C THR A 76 4.95 3.35 -0.46
N VAL A 77 4.43 3.83 0.67
CA VAL A 77 3.14 4.51 0.65
C VAL A 77 3.13 5.72 -0.28
N PRO A 78 4.06 6.66 -0.19
CA PRO A 78 4.05 7.77 -1.16
C PRO A 78 4.18 7.32 -2.60
N LEU A 79 4.95 6.25 -2.85
N LEU A 79 4.92 6.23 -2.83
CA LEU A 79 5.05 5.72 -4.20
CA LEU A 79 5.07 5.70 -4.18
C LEU A 79 3.70 5.20 -4.69
C LEU A 79 3.74 5.15 -4.70
N MET A 80 2.95 4.55 -3.81
CA MET A 80 1.63 4.05 -4.21
C MET A 80 0.70 5.20 -4.62
N PHE A 81 0.87 6.38 -3.99
CA PHE A 81 0.06 7.53 -4.35
C PHE A 81 0.45 8.11 -5.70
N VAL A 82 1.72 7.94 -6.10
N VAL A 82 1.70 7.90 -6.12
CA VAL A 82 2.19 8.49 -7.37
CA VAL A 82 2.18 8.39 -7.42
C VAL A 82 1.28 8.04 -8.51
C VAL A 82 1.30 7.86 -8.54
N GLU A 83 0.99 6.74 -8.58
N GLU A 83 1.00 6.56 -8.53
CA GLU A 83 0.19 6.26 -9.69
CA GLU A 83 0.20 5.97 -9.60
C GLU A 83 -1.30 6.46 -9.48
C GLU A 83 -1.28 6.33 -9.47
N VAL A 84 -1.77 6.43 -8.24
CA VAL A 84 -3.19 6.71 -8.01
C VAL A 84 -3.53 8.12 -8.48
N LEU A 85 -2.71 9.10 -8.12
CA LEU A 85 -2.98 10.48 -8.48
C LEU A 85 -2.76 10.77 -9.97
N ALA A 86 -1.92 9.98 -10.65
CA ALA A 86 -1.71 10.15 -12.07
C ALA A 86 -2.98 9.90 -12.89
N VAL A 87 -3.92 9.11 -12.35
CA VAL A 87 -5.15 8.83 -13.08
C VAL A 87 -5.97 10.10 -13.25
N THR A 88 -5.95 10.96 -12.24
CA THR A 88 -6.87 12.09 -12.17
C THR A 88 -6.22 13.45 -12.35
N ARG A 89 -4.90 13.56 -12.24
CA ARG A 89 -4.24 14.86 -12.26
C ARG A 89 -2.94 14.80 -13.04
N LYS A 90 -2.56 15.93 -13.62
CA LYS A 90 -1.22 16.12 -14.16
C LYS A 90 -0.78 17.54 -13.81
N GLY A 91 0.47 17.85 -14.14
CA GLY A 91 0.96 19.20 -13.98
C GLY A 91 0.93 19.66 -12.53
N ALA A 92 0.55 20.92 -12.34
CA ALA A 92 0.61 21.52 -11.00
C ALA A 92 -0.31 20.81 -10.02
N ALA A 93 -1.51 20.44 -10.45
CA ALA A 93 -2.44 19.77 -9.55
C ALA A 93 -1.87 18.43 -9.07
N TYR A 94 -1.17 17.72 -9.96
CA TYR A 94 -0.58 16.45 -9.59
C TYR A 94 0.56 16.62 -8.60
N ASN A 95 1.47 17.57 -8.88
CA ASN A 95 2.62 17.79 -8.02
C ASN A 95 2.17 18.18 -6.61
N GLU A 96 1.14 19.02 -6.50
CA GLU A 96 0.67 19.44 -5.20
C GLU A 96 0.09 18.27 -4.41
N ALA A 97 -0.75 17.46 -5.07
CA ALA A 97 -1.38 16.34 -4.38
C ALA A 97 -0.35 15.29 -3.97
N VAL A 98 0.57 14.95 -4.87
CA VAL A 98 1.60 13.95 -4.55
C VAL A 98 2.43 14.41 -3.35
N ARG A 99 2.81 15.68 -3.33
CA ARG A 99 3.60 16.20 -2.22
C ARG A 99 2.77 16.21 -0.93
N ASN A 100 1.54 16.73 -0.99
CA ASN A 100 0.72 16.84 0.22
C ASN A 100 0.34 15.48 0.77
N TRP A 101 -0.06 14.54 -0.09
CA TRP A 101 -0.38 13.21 0.39
C TRP A 101 0.86 12.50 0.93
N GLY A 102 2.00 12.70 0.30
CA GLY A 102 3.23 12.09 0.79
C GLY A 102 3.66 12.63 2.13
N ILE A 103 3.49 13.94 2.34
CA ILE A 103 3.75 14.52 3.65
C ILE A 103 2.81 13.91 4.69
N ALA A 104 1.52 13.83 4.36
CA ALA A 104 0.56 13.24 5.30
C ALA A 104 0.92 11.80 5.62
N ALA A 105 1.26 11.01 4.60
CA ALA A 105 1.62 9.61 4.83
C ALA A 105 2.82 9.51 5.77
N THR A 106 3.82 10.37 5.58
CA THR A 106 5.01 10.34 6.42
C THR A 106 4.66 10.67 7.86
N VAL A 107 3.77 11.65 8.07
CA VAL A 107 3.32 11.97 9.42
C VAL A 107 2.56 10.79 10.02
N MET A 108 1.69 10.17 9.22
CA MET A 108 0.90 9.04 9.70
C MET A 108 1.80 7.89 10.14
N ILE A 109 2.74 7.53 9.28
CA ILE A 109 3.64 6.40 9.56
C ILE A 109 4.59 6.74 10.71
N GLY A 110 5.13 7.97 10.72
CA GLY A 110 5.99 8.37 11.81
C GLY A 110 5.28 8.40 13.15
N ALA A 111 4.05 8.91 13.16
CA ALA A 111 3.25 8.88 14.39
C ALA A 111 2.97 7.45 14.83
N GLY A 112 2.65 6.57 13.89
CA GLY A 112 2.47 5.16 14.23
C GLY A 112 3.72 4.54 14.81
N TYR A 113 4.89 4.85 14.23
CA TYR A 113 6.13 4.31 14.75
C TYR A 113 6.39 4.81 16.17
N TYR A 114 6.18 6.10 16.40
CA TYR A 114 6.33 6.67 17.74
C TYR A 114 5.46 5.93 18.75
N GLY A 115 4.20 5.66 18.40
CA GLY A 115 3.32 5.01 19.34
C GLY A 115 3.60 3.52 19.49
N GLU A 116 3.90 2.84 18.39
CA GLU A 116 4.13 1.41 18.44
C GLU A 116 5.38 1.05 19.23
N THR A 117 6.40 1.91 19.22
CA THR A 117 7.60 1.67 20.00
C THR A 117 7.48 2.18 21.43
N SER A 118 6.34 2.74 21.81
CA SER A 118 6.04 3.09 23.18
C SER A 118 5.44 1.89 23.90
N ALA A 119 5.27 2.01 25.22
CA ALA A 119 4.63 0.95 25.97
C ALA A 119 3.19 0.79 25.50
N ALA A 120 2.78 -0.45 25.27
CA ALA A 120 1.44 -0.71 24.76
C ALA A 120 0.40 -0.19 25.73
N GLY A 121 -0.56 0.57 25.22
CA GLY A 121 -1.60 1.15 26.04
C GLY A 121 -1.24 2.42 26.78
N SER A 122 -0.01 2.92 26.62
CA SER A 122 0.41 4.14 27.29
C SER A 122 -0.17 5.37 26.58
N ASN A 123 -0.01 6.54 27.23
CA ASN A 123 -0.46 7.77 26.60
C ASN A 123 0.30 8.02 25.30
N GLU A 124 1.60 7.67 25.26
CA GLU A 124 2.37 7.81 24.04
C GLU A 124 1.83 6.89 22.94
N TYR A 125 1.52 5.65 23.31
CA TYR A 125 0.93 4.70 22.37
C TYR A 125 -0.37 5.25 21.78
N TRP A 126 -1.23 5.82 22.63
CA TRP A 126 -2.50 6.36 22.13
C TRP A 126 -2.30 7.66 21.37
N THR A 127 -1.30 8.46 21.75
CA THR A 127 -1.00 9.68 21.01
C THR A 127 -0.61 9.36 19.58
N GLY A 128 0.30 8.40 19.39
CA GLY A 128 0.66 7.99 18.06
C GLY A 128 -0.53 7.49 17.27
N PHE A 129 -1.39 6.70 17.92
CA PHE A 129 -2.56 6.15 17.24
C PHE A 129 -3.50 7.25 16.77
N VAL A 130 -3.81 8.20 17.66
CA VAL A 130 -4.79 9.23 17.34
C VAL A 130 -4.28 10.15 16.24
N ILE A 131 -3.02 10.57 16.31
CA ILE A 131 -2.45 11.42 15.26
C ILE A 131 -2.44 10.67 13.93
N ALA A 132 -1.96 9.43 13.94
CA ALA A 132 -1.96 8.62 12.72
C ALA A 132 -3.38 8.43 12.18
N MET A 133 -4.34 8.16 13.06
N MET A 133 -4.35 8.18 13.06
CA MET A 133 -5.72 7.95 12.61
CA MET A 133 -5.72 7.95 12.62
C MET A 133 -6.25 9.19 11.91
C MET A 133 -6.31 9.19 11.94
N ALA A 134 -6.04 10.38 12.49
CA ALA A 134 -6.56 11.60 11.89
C ALA A 134 -5.94 11.85 10.53
N THR A 135 -4.62 11.64 10.42
N THR A 135 -4.62 11.64 10.41
CA THR A 135 -3.96 11.79 9.13
CA THR A 135 -3.98 11.81 9.11
C THR A 135 -4.47 10.77 8.12
C THR A 135 -4.47 10.76 8.12
N TYR A 136 -4.69 9.53 8.58
CA TYR A 136 -5.25 8.49 7.73
C TYR A 136 -6.63 8.88 7.21
N VAL A 137 -7.50 9.36 8.09
CA VAL A 137 -8.85 9.77 7.64
C VAL A 137 -8.76 10.92 6.65
N TRP A 138 -7.86 11.87 6.91
CA TRP A 138 -7.65 12.96 5.96
C TRP A 138 -7.25 12.43 4.59
N LEU A 139 -6.32 11.46 4.56
CA LEU A 139 -5.91 10.85 3.29
C LEU A 139 -7.08 10.14 2.61
N MET A 140 -7.86 9.37 3.37
N MET A 140 -7.87 9.38 3.37
CA MET A 140 -8.97 8.63 2.78
CA MET A 140 -8.97 8.63 2.76
C MET A 140 -10.03 9.58 2.24
C MET A 140 -10.06 9.56 2.25
N ARG A 141 -10.32 10.66 2.96
CA ARG A 141 -11.29 11.64 2.48
C ARG A 141 -10.81 12.31 1.21
N ASN A 142 -9.51 12.66 1.14
CA ASN A 142 -8.96 13.17 -0.11
C ASN A 142 -9.10 12.15 -1.23
N LEU A 143 -8.81 10.88 -0.93
CA LEU A 143 -8.89 9.85 -1.95
C LEU A 143 -10.32 9.68 -2.45
N GLN A 144 -11.29 9.70 -1.53
CA GLN A 144 -12.70 9.59 -1.94
C GLN A 144 -13.09 10.72 -2.89
N ALA A 145 -12.49 11.90 -2.73
CA ALA A 145 -12.85 13.04 -3.57
C ALA A 145 -12.24 12.96 -4.97
N GLU A 146 -11.22 12.14 -5.17
CA GLU A 146 -10.57 12.06 -6.47
C GLU A 146 -11.45 11.30 -7.47
N GLY A 147 -11.42 11.77 -8.72
N GLY A 147 -11.30 11.66 -8.74
CA GLY A 147 -12.11 11.09 -9.81
CA GLY A 147 -12.03 10.99 -9.79
C GLY A 147 -13.62 11.12 -9.75
C GLY A 147 -13.49 11.38 -9.88
N GLU A 148 -14.21 12.16 -9.18
N GLU A 148 -13.99 12.20 -8.96
CA GLU A 148 -15.66 12.18 -9.00
CA GLU A 148 -15.29 12.80 -9.10
C GLU A 148 -16.40 12.29 -10.34
C GLU A 148 -15.34 13.54 -10.43
N GLY A 149 -15.82 12.97 -11.33
N GLY A 149 -16.00 12.94 -11.42
CA GLY A 149 -16.47 13.15 -12.61
CA GLY A 149 -16.03 13.48 -12.76
C GLY A 149 -16.21 12.07 -13.64
C GLY A 149 -15.78 12.44 -13.83
N LEU A 150 -15.33 11.11 -13.33
N LEU A 150 -15.38 11.23 -13.40
CA LEU A 150 -15.01 10.04 -14.27
CA LEU A 150 -15.08 10.15 -14.32
C LEU A 150 -16.25 9.21 -14.57
C LEU A 150 -16.31 9.31 -14.62
N LYS A 151 -16.33 8.73 -15.81
CA LYS A 151 -17.40 7.84 -16.26
C LYS A 151 -16.79 6.66 -16.98
N GLY A 152 -17.63 5.68 -17.28
CA GLY A 152 -17.20 4.55 -18.10
C GLY A 152 -16.19 3.63 -17.44
N ASP A 153 -15.51 2.84 -18.28
CA ASP A 153 -14.59 1.81 -17.80
C ASP A 153 -13.49 2.39 -16.94
N GLN A 154 -12.98 3.58 -17.29
N GLN A 154 -12.99 3.59 -17.29
CA GLN A 154 -11.93 4.19 -16.49
CA GLN A 154 -11.93 4.20 -16.50
C GLN A 154 -12.43 4.55 -15.10
C GLN A 154 -12.42 4.56 -15.10
N ALA A 155 -13.68 5.00 -14.99
CA ALA A 155 -14.25 5.29 -13.68
C ALA A 155 -14.37 4.02 -12.84
N VAL A 156 -14.83 2.93 -13.45
CA VAL A 156 -14.95 1.67 -12.73
C VAL A 156 -13.58 1.18 -12.27
N ALA A 157 -12.59 1.24 -13.15
CA ALA A 157 -11.25 0.78 -12.79
C ALA A 157 -10.65 1.64 -11.68
N PHE A 158 -10.92 2.95 -11.69
CA PHE A 158 -10.41 3.82 -10.64
C PHE A 158 -11.16 3.61 -9.33
N GLU A 159 -12.47 3.40 -9.40
N GLU A 159 -12.47 3.41 -9.41
CA GLU A 159 -13.22 3.10 -8.18
CA GLU A 159 -13.26 3.07 -8.22
C GLU A 159 -12.74 1.80 -7.54
C GLU A 159 -12.71 1.82 -7.55
N ASN A 160 -12.32 0.81 -8.34
CA ASN A 160 -11.76 -0.41 -7.78
C ASN A 160 -10.45 -0.11 -7.04
N ILE A 161 -9.60 0.74 -7.63
CA ILE A 161 -8.38 1.17 -6.95
C ILE A 161 -8.73 1.87 -5.64
N LYS A 162 -9.65 2.82 -5.69
CA LYS A 162 -10.04 3.56 -4.50
C LYS A 162 -10.56 2.64 -3.41
N ASN A 163 -11.45 1.70 -3.79
CA ASN A 163 -12.05 0.83 -2.79
C ASN A 163 -11.05 -0.14 -2.18
N LEU A 164 -10.05 -0.58 -2.96
CA LEU A 164 -9.01 -1.43 -2.37
C LEU A 164 -8.28 -0.69 -1.25
N ILE A 165 -7.95 0.59 -1.48
CA ILE A 165 -7.27 1.37 -0.46
C ILE A 165 -8.23 1.67 0.70
N LEU A 166 -9.45 2.11 0.38
CA LEU A 166 -10.40 2.51 1.42
C LEU A 166 -10.74 1.35 2.35
N VAL A 167 -10.82 0.13 1.81
CA VAL A 167 -11.12 -1.05 2.63
C VAL A 167 -9.85 -1.68 3.17
N GLY A 168 -8.86 -1.89 2.30
CA GLY A 168 -7.69 -2.67 2.68
C GLY A 168 -6.79 -2.00 3.70
N TRP A 169 -6.74 -0.66 3.70
CA TRP A 169 -5.87 0.01 4.65
C TRP A 169 -6.43 0.04 6.07
N ILE A 170 -7.69 -0.38 6.24
CA ILE A 170 -8.28 -0.47 7.58
C ILE A 170 -7.56 -1.53 8.40
N ILE A 171 -6.95 -2.52 7.74
CA ILE A 171 -6.28 -3.58 8.47
C ILE A 171 -5.16 -3.04 9.34
N TYR A 172 -4.49 -1.98 8.90
CA TYR A 172 -3.35 -1.46 9.66
C TYR A 172 -3.75 -0.95 11.04
N PRO A 173 -4.70 -0.02 11.20
CA PRO A 173 -5.08 0.37 12.57
C PRO A 173 -5.59 -0.79 13.40
N LEU A 174 -6.27 -1.76 12.80
CA LEU A 174 -6.66 -2.96 13.54
C LEU A 174 -5.44 -3.71 14.06
N GLY A 175 -4.42 -3.89 13.22
CA GLY A 175 -3.21 -4.54 13.68
C GLY A 175 -2.52 -3.78 14.78
N TYR A 176 -2.49 -2.45 14.68
CA TYR A 176 -1.84 -1.62 15.70
C TYR A 176 -2.51 -1.81 17.06
N ILE A 177 -3.84 -1.94 17.10
N ILE A 177 -3.84 -1.93 17.06
CA ILE A 177 -4.52 -2.05 18.39
CA ILE A 177 -4.65 -2.04 18.26
C ILE A 177 -4.76 -3.49 18.83
C ILE A 177 -4.58 -3.45 18.85
N ALA A 178 -4.42 -4.46 17.99
CA ALA A 178 -4.48 -5.86 18.42
C ALA A 178 -3.76 -6.16 19.73
N PRO A 179 -2.56 -5.64 19.99
CA PRO A 179 -1.88 -5.95 21.26
C PRO A 179 -2.62 -5.48 22.51
N VAL A 180 -3.50 -4.48 22.42
CA VAL A 180 -4.25 -4.05 23.60
C VAL A 180 -5.61 -4.75 23.70
N VAL A 181 -6.06 -5.44 22.66
CA VAL A 181 -7.31 -6.19 22.73
C VAL A 181 -7.10 -7.55 23.38
N GLY A 182 -5.94 -8.15 23.20
CA GLY A 182 -5.64 -9.41 23.85
C GLY A 182 -4.14 -9.65 23.90
N ASP A 183 -3.78 -10.87 24.28
CA ASP A 183 -2.39 -11.32 24.28
C ASP A 183 -1.93 -11.53 22.84
N PHE A 184 -1.93 -10.46 22.05
CA PHE A 184 -1.96 -10.56 20.60
C PHE A 184 -0.81 -9.82 19.93
N ASP A 185 0.37 -9.77 20.57
CA ASP A 185 1.50 -9.09 19.93
C ASP A 185 1.78 -9.65 18.56
N ALA A 186 1.84 -10.98 18.44
CA ALA A 186 2.10 -11.59 17.14
C ALA A 186 0.97 -11.34 16.14
N ILE A 187 -0.27 -11.21 16.63
CA ILE A 187 -1.40 -10.96 15.74
C ILE A 187 -1.25 -9.62 15.02
N ARG A 188 -0.68 -8.61 15.70
CA ARG A 188 -0.34 -7.37 15.02
C ARG A 188 0.53 -7.64 13.79
N GLU A 189 1.56 -8.47 13.95
CA GLU A 189 2.45 -8.75 12.83
C GLU A 189 1.75 -9.55 11.74
N VAL A 190 0.87 -10.47 12.14
CA VAL A 190 0.09 -11.24 11.17
C VAL A 190 -0.76 -10.32 10.33
N LEU A 191 -1.50 -9.42 11.00
CA LEU A 191 -2.39 -8.51 10.28
C LEU A 191 -1.61 -7.56 9.37
N TYR A 192 -0.48 -7.02 9.84
CA TYR A 192 0.33 -6.14 9.00
C TYR A 192 0.81 -6.86 7.76
N THR A 193 1.22 -8.13 7.90
CA THR A 193 1.72 -8.89 6.77
C THR A 193 0.62 -9.18 5.77
N ILE A 194 -0.54 -9.64 6.25
CA ILE A 194 -1.68 -9.88 5.37
C ILE A 194 -2.05 -8.60 4.63
N ALA A 195 -2.11 -7.47 5.36
CA ALA A 195 -2.47 -6.21 4.73
C ALA A 195 -1.48 -5.79 3.67
N ASP A 196 -0.18 -5.97 3.94
CA ASP A 196 0.82 -5.55 2.95
C ASP A 196 0.69 -6.37 1.66
N ILE A 197 0.46 -7.68 1.78
CA ILE A 197 0.27 -8.51 0.60
C ILE A 197 -0.96 -8.04 -0.18
N ILE A 198 -2.09 -7.91 0.51
CA ILE A 198 -3.33 -7.49 -0.13
C ILE A 198 -3.15 -6.13 -0.79
N ASN A 199 -2.56 -5.19 -0.07
CA ASN A 199 -2.52 -3.81 -0.54
C ASN A 199 -1.48 -3.54 -1.60
N LYS A 200 -0.33 -4.20 -1.49
CA LYS A 200 0.73 -4.01 -2.45
C LYS A 200 0.56 -4.79 -3.74
N VAL A 201 0.36 -6.09 -3.59
CA VAL A 201 0.08 -6.92 -4.75
C VAL A 201 -1.26 -6.54 -5.37
N GLY A 202 -2.26 -6.34 -4.51
CA GLY A 202 -3.58 -5.98 -5.01
C GLY A 202 -3.60 -4.66 -5.77
N LEU A 203 -2.97 -3.63 -5.21
CA LEU A 203 -2.94 -2.35 -5.93
C LEU A 203 -2.20 -2.49 -7.26
N GLY A 204 -1.08 -3.20 -7.26
CA GLY A 204 -0.37 -3.44 -8.52
C GLY A 204 -1.25 -4.10 -9.56
N VAL A 205 -2.02 -5.12 -9.15
CA VAL A 205 -2.93 -5.79 -10.07
C VAL A 205 -3.97 -4.80 -10.61
N LEU A 206 -4.53 -3.97 -9.74
CA LEU A 206 -5.55 -3.02 -10.16
C LEU A 206 -4.97 -1.89 -10.99
N VAL A 207 -3.72 -1.49 -10.72
CA VAL A 207 -3.05 -0.53 -11.59
C VAL A 207 -2.81 -1.14 -12.96
N LEU A 208 -2.40 -2.40 -13.00
CA LEU A 208 -2.31 -3.11 -14.28
C LEU A 208 -3.66 -3.14 -14.98
N GLN A 209 -4.75 -3.41 -14.24
N GLN A 209 -4.74 -3.45 -14.24
CA GLN A 209 -6.07 -3.37 -14.85
CA GLN A 209 -6.06 -3.47 -14.85
C GLN A 209 -6.44 -1.97 -15.33
C GLN A 209 -6.40 -2.12 -15.47
N MET A 210 -5.98 -0.94 -14.61
N MET A 210 -6.15 -1.04 -14.73
CA MET A 210 -6.22 0.43 -15.07
CA MET A 210 -6.38 0.30 -15.26
C MET A 210 -5.49 0.69 -16.38
C MET A 210 -5.57 0.56 -16.51
N ALA A 211 -4.30 0.13 -16.53
CA ALA A 211 -3.50 0.31 -17.74
C ALA A 211 -4.09 -0.44 -18.92
N ARG A 212 -4.69 -1.61 -18.69
N ARG A 212 -4.69 -1.61 -18.69
CA ARG A 212 -5.39 -2.32 -19.76
CA ARG A 212 -5.40 -2.30 -19.77
C ARG A 212 -6.56 -1.49 -20.29
C ARG A 212 -6.57 -1.47 -20.27
N VAL A 213 -7.36 -0.92 -19.38
N VAL A 213 -7.34 -0.89 -19.34
CA VAL A 213 -8.48 -0.08 -19.78
CA VAL A 213 -8.44 0.00 -19.73
C VAL A 213 -7.99 1.13 -20.59
C VAL A 213 -7.93 1.24 -20.45
N GLN A 214 -6.97 1.81 -20.07
N GLN A 214 -6.86 1.85 -19.92
CA GLN A 214 -6.41 2.95 -20.79
CA GLN A 214 -6.25 2.99 -20.58
C GLN A 214 -5.83 2.53 -22.13
C GLN A 214 -5.69 2.63 -21.96
N SER A 215 -5.31 1.32 -22.23
N SER A 215 -5.37 1.36 -22.19
CA SER A 215 -4.86 0.78 -23.51
CA SER A 215 -4.89 0.90 -23.48
C SER A 215 -6.02 0.42 -24.43
C SER A 215 -6.01 0.50 -24.42
N GLY A 216 -7.26 0.64 -24.01
CA GLY A 216 -8.40 0.29 -24.84
C GLY A 216 -8.82 -1.16 -24.77
N GLU A 217 -8.20 -1.96 -23.89
N GLU A 217 -8.21 -1.95 -23.88
CA GLU A 217 -8.58 -3.35 -23.76
CA GLU A 217 -8.57 -3.36 -23.75
C GLU A 217 -9.93 -3.49 -23.06
C GLU A 217 -9.91 -3.50 -23.04
N LYS A 218 -10.66 -4.53 -23.43
CA LYS A 218 -11.98 -4.78 -22.83
C LYS A 218 -11.83 -5.46 -21.47
C1 OLA B . 11.78 -0.69 -14.58
O1 OLA B . 11.87 -1.12 -15.75
O2 OLA B . 12.27 0.41 -14.28
C2 OLA B . 11.09 -1.51 -13.52
C3 OLA B . 11.04 -0.71 -12.22
C4 OLA B . 11.84 -1.39 -11.12
C5 OLA B . 11.57 -2.89 -11.09
C6 OLA B . 11.48 -3.39 -9.65
C7 OLA B . 12.79 -4.06 -9.23
C8 OLA B . 13.12 -3.67 -7.79
C9 OLA B . 13.51 -4.91 -7.03
C10 OLA B . 13.82 -4.79 -5.60
C11 OLA B . 14.82 -3.75 -5.14
C12 OLA B . 14.26 -3.07 -3.90
C13 OLA B . 15.36 -2.74 -2.89
C14 OLA B . 14.94 -1.56 -2.02
C15 OLA B . 15.90 -1.37 -0.85
C16 OLA B . 15.36 -0.35 0.13
C17 OLA B . 16.49 0.26 0.94
C18 OLA B . 16.01 0.72 2.32
C1 OLA C . -13.07 -6.11 -10.45
C2 OLA C . -12.18 -6.40 -9.25
C3 OLA C . -11.91 -5.12 -8.47
C4 OLA C . -11.43 -5.41 -7.05
C5 OLA C . -11.88 -4.34 -6.07
C6 OLA C . -11.30 -4.61 -4.68
C7 OLA C . -12.10 -3.87 -3.65
C8 OLA C . -11.80 -4.02 -2.22
C9 OLA C . -11.05 -5.23 -1.73
C10 OLA C . -11.15 -5.31 -0.21
C11 OLA C . -10.18 -6.34 0.36
C12 OLA C . -10.53 -6.70 1.80
C13 OLA C . -9.55 -7.72 2.37
C14 OLA C . -9.97 -8.18 3.76
C15 OLA C . -8.94 -9.18 4.31
C16 OLA C . -9.13 -9.43 5.80
C1 OLA D . 14.95 2.48 13.00
O1 OLA D . 15.50 2.23 14.10
O2 OLA D . 15.31 1.83 11.99
C2 OLA D . 13.90 3.55 12.87
C3 OLA D . 13.31 3.51 11.47
C4 OLA D . 11.79 3.68 11.49
C5 OLA D . 11.40 5.14 11.28
C6 OLA D . 10.59 5.29 10.00
C7 OLA D . 9.36 6.19 10.24
C8 OLA D . 9.77 7.64 10.42
C9 OLA D . 8.90 8.52 9.56
C10 OLA D . 9.15 9.97 9.51
C11 OLA D . 8.82 10.78 10.73
C12 OLA D . 8.54 12.23 10.33
C13 OLA D . 7.54 12.94 11.25
C14 OLA D . 6.83 11.99 12.21
C15 OLA D . 5.74 12.72 12.99
C16 OLA D . 5.56 12.11 14.37
C17 OLA D . 4.31 12.64 15.06
C18 OLA D . 4.31 12.27 16.55
C10 LFA E . 0.13 16.22 13.64
C11 LFA E . -1.00 16.85 12.88
C12 LFA E . -2.08 15.90 12.45
C13 LFA E . -3.13 16.52 11.56
C14 LFA E . -4.12 15.55 10.97
C15 LFA E . -4.78 16.05 9.72
C16 LFA E . -3.80 16.40 8.63
C17 LFA E . -4.35 17.29 7.56
C6 LFA F . -4.87 5.76 29.22
C7 LFA F . -5.05 6.30 27.82
C8 LFA F . -6.45 6.77 27.51
C9 LFA F . -7.49 5.68 27.45
C10 LFA F . -7.61 4.98 26.12
C11 LFA F . -8.12 5.86 25.00
C12 LFA F . -8.27 5.16 23.67
C13 LFA F . -8.75 6.07 22.56
C14 LFA F . -8.90 5.39 21.22
C1 LFA G . -7.46 -12.86 1.74
C2 LFA G . -7.93 -12.51 0.34
C3 LFA G . -8.11 -11.04 0.08
C4 LFA G . -8.30 -10.70 -1.37
C5 LFA G . -8.28 -9.22 -1.67
C6 LFA G . -8.03 -8.90 -3.12
C7 LFA G . -7.96 -7.43 -3.44
C8 LFA G . -7.44 -7.12 -4.83
C9 LFA G . -8.21 -7.78 -5.95
C10 LFA G . -7.59 -7.60 -7.31
C11 LFA G . -8.36 -8.26 -8.43
C1 LFA H . -10.07 0.10 15.28
C2 LFA H . -9.94 1.34 14.43
C3 LFA H . -10.52 1.18 13.05
C4 LFA H . -10.53 2.45 12.24
C5 LFA H . -11.24 2.34 10.92
C6 LFA H . -11.39 3.65 10.19
C7 LFA H . -12.15 3.56 8.89
C8 LFA H . -12.33 4.88 8.18
C1 LFA I . 0.81 -12.49 -7.95
C2 LFA I . 1.48 -12.97 -6.68
C3 LFA I . 0.53 -13.10 -5.52
C4 LFA I . 1.18 -13.56 -4.24
C5 LFA I . 0.23 -13.70 -3.08
C6 LFA I . 0.86 -14.21 -1.80
C10 LFA J . -2.83 -11.30 -2.89
C11 LFA J . -3.94 -10.35 -3.28
C12 LFA J . -3.86 -9.85 -4.71
C3 LFA K . -9.58 7.68 17.63
C4 LFA K . -10.08 7.17 16.30
C5 LFA K . -11.40 6.44 16.37
C6 LFA K . -11.91 5.96 15.03
C7 LFA K . -12.15 7.07 14.03
C8 LFA K . -12.69 6.60 12.71
C9 LFA K . -12.93 7.71 11.71
C6 LFA L . -8.71 -10.03 13.38
C7 LFA L . -8.20 -9.59 14.73
C8 LFA L . -8.48 -8.15 15.07
C9 LFA L . -8.00 -7.73 16.44
C10 LFA L . -8.27 -6.28 16.78
C11 LFA L . -9.73 -5.89 16.72
C12 LFA L . -10.00 -4.47 17.13
C13 LFA L . -11.46 -4.07 17.03
C14 LFA L . -11.75 -2.66 17.49
C8 LFA M . 13.16 8.25 6.29
C9 LFA M . 12.27 9.43 5.95
C10 LFA M . 11.38 9.19 4.76
C11 LFA M . 10.53 10.38 4.37
C12 LFA M . 9.65 10.13 3.16
C13 LFA M . 10.39 9.62 1.95
C14 LFA M . 9.52 9.32 0.76
C15 LFA M . 10.26 8.64 -0.37
C16 LFA M . 9.40 8.29 -1.57
C17 LFA M . 8.96 9.47 -2.41
C18 LFA M . 8.23 9.08 -3.67
C19 LFA M . 7.88 10.21 -4.60
C20 LFA M . 6.97 11.25 -3.98
C17 LFA N . 7.88 13.74 1.97
C18 LFA N . 8.00 12.59 1.00
C19 LFA N . 6.85 12.48 0.02
C20 LFA N . 6.69 13.69 -0.87
C18 LFA O . -0.33 18.70 3.77
C19 LFA O . -0.09 17.97 5.06
C20 LFA O . -1.31 17.30 5.64
C1 RET P . -0.55 3.06 11.72
C2 RET P . -0.66 3.48 13.18
C3 RET P . -2.04 3.23 13.74
C4 RET P . -3.06 4.03 12.98
C5 RET P . -2.88 4.01 11.51
C6 RET P . -1.74 3.56 10.90
C7 RET P . -1.60 3.56 9.44
C8 RET P . -1.05 2.60 8.66
C9 RET P . -1.07 2.56 7.21
C10 RET P . -0.21 1.72 6.61
C11 RET P . -0.08 1.51 5.20
C12 RET P . 0.86 0.69 4.68
C13 RET P . 1.05 0.23 3.31
C14 RET P . 2.14 -0.49 3.01
C15 RET P . 2.52 -0.93 1.66
C16 RET P . -0.43 1.54 11.75
C17 RET P . 0.76 3.65 11.18
C18 RET P . -4.08 4.53 10.78
C19 RET P . -2.29 3.08 6.55
C20 RET P . 0.05 0.70 2.31
#